data_3N6K
#
_entry.id   3N6K
#
_cell.length_a   111.123
_cell.length_b   111.123
_cell.length_c   76.779
_cell.angle_alpha   90.000
_cell.angle_beta   90.000
_cell.angle_gamma   90.000
#
_symmetry.space_group_name_H-M   'P 41 21 2'
#
loop_
_entity.id
_entity.type
_entity.pdbx_description
1 polymer 'FARNESYL PYROPHOSPHATE SYNTHASE'
2 non-polymer '1-(carboxymethyl)-1H-benzo[g]indole-2-carboxylic acid'
3 non-polymer 'PHOSPHATE ION'
4 water water
#
_entity_poly.entity_id   1
_entity_poly.type   'polypeptide(L)'
_entity_poly.pdbx_seq_one_letter_code
;GPNSDVYAQEKQDFVQHFSQIVRVLTEDEMGHPEIGDAIARLKEVLEYNAIGGKYNRGLTVVVAFRELVEPRKQDADSLQ
RAWTVGWCVELLQAFFLVADDIMDSSLTRRGQICWYQKPGVGLDAINDANLLEACIYRLLKLYCREQPYYLNLIELFLQS
SYQTEIGQTLDLLTAPQGNVDLVRFTEKRYKSIVKYKTAFYSFYLPIAAAMYMAGIDGEKEHANAKKILLEMGEFFQIQD
DYLDLFGDPSVTGKIGTDIQDNKCSWLVVQCLQRATPEQYQILKENYGQKEAEKVARVKALYEELDLPAVFLQYEEDSYS
HIMALIEQYAAPLPPAVFLGLARKIYKRRK
;
_entity_poly.pdbx_strand_id   F
#
# COMPACT_ATOMS: atom_id res chain seq x y z
N TYR A 7 -16.81 7.99 -8.71
CA TYR A 7 -15.91 7.21 -7.80
C TYR A 7 -15.86 7.89 -6.44
N ALA A 8 -15.64 9.20 -6.46
CA ALA A 8 -15.51 9.96 -5.22
C ALA A 8 -16.87 10.20 -4.60
N GLN A 9 -17.84 9.37 -4.98
CA GLN A 9 -19.14 9.37 -4.33
C GLN A 9 -19.24 8.09 -3.52
N GLU A 10 -18.70 7.02 -4.09
CA GLU A 10 -18.61 5.74 -3.41
C GLU A 10 -17.66 5.83 -2.21
N LYS A 11 -16.64 6.66 -2.32
CA LYS A 11 -15.66 6.84 -1.25
C LYS A 11 -16.34 7.39 0.00
N GLN A 12 -17.54 7.93 -0.19
CA GLN A 12 -18.31 8.49 0.92
C GLN A 12 -19.03 7.41 1.69
N ASP A 13 -19.62 6.46 0.96
CA ASP A 13 -20.34 5.34 1.58
C ASP A 13 -19.35 4.40 2.27
N PHE A 14 -18.10 4.40 1.81
CA PHE A 14 -17.08 3.56 2.40
C PHE A 14 -16.65 4.09 3.76
N VAL A 15 -16.26 5.36 3.82
CA VAL A 15 -15.92 6.00 5.08
C VAL A 15 -17.10 5.92 6.05
N GLN A 16 -18.30 5.93 5.49
CA GLN A 16 -19.52 5.93 6.28
C GLN A 16 -19.58 4.68 7.14
N HIS A 17 -19.07 3.58 6.62
CA HIS A 17 -19.21 2.27 7.24
C HIS A 17 -18.23 2.09 8.39
N PHE A 18 -17.19 2.92 8.42
CA PHE A 18 -16.19 2.78 9.45
C PHE A 18 -16.83 2.76 10.83
N SER A 19 -17.85 3.60 11.00
CA SER A 19 -18.49 3.76 12.31
C SER A 19 -19.13 2.47 12.80
N GLN A 20 -19.69 1.68 11.88
CA GLN A 20 -20.24 0.39 12.25
C GLN A 20 -19.12 -0.62 12.54
N ILE A 21 -18.11 -0.66 11.66
CA ILE A 21 -16.91 -1.46 11.86
C ILE A 21 -16.41 -1.29 13.29
N VAL A 22 -16.28 -0.03 13.71
CA VAL A 22 -15.81 0.25 15.05
C VAL A 22 -16.76 -0.25 16.10
N ARG A 23 -18.06 -0.05 15.87
CA ARG A 23 -19.08 -0.50 16.78
C ARG A 23 -18.94 -2.00 16.99
N VAL A 24 -18.89 -2.75 15.89
CA VAL A 24 -18.88 -4.20 15.97
C VAL A 24 -17.58 -4.76 16.56
N LEU A 25 -16.47 -4.04 16.37
CA LEU A 25 -15.19 -4.48 16.92
C LEU A 25 -15.09 -4.17 18.40
N THR A 26 -15.46 -2.96 18.79
CA THR A 26 -15.32 -2.57 20.18
C THR A 26 -16.52 -3.01 21.01
N GLU A 27 -16.91 -4.27 20.85
CA GLU A 27 -18.04 -4.79 21.59
C GLU A 27 -18.04 -6.30 21.87
N ASP A 28 -16.90 -6.85 22.29
CA ASP A 28 -16.92 -8.16 22.95
C ASP A 28 -16.81 -7.94 24.46
N GLU A 29 -16.76 -6.67 24.85
CA GLU A 29 -16.79 -6.27 26.26
C GLU A 29 -18.20 -6.49 26.83
N MET A 30 -19.13 -6.86 25.95
CA MET A 30 -20.51 -7.10 26.35
C MET A 30 -20.59 -8.23 27.36
N GLY A 31 -20.09 -9.40 26.96
CA GLY A 31 -20.00 -10.51 27.89
C GLY A 31 -18.73 -10.44 28.71
N HIS A 32 -17.96 -9.37 28.52
CA HIS A 32 -16.65 -9.24 29.16
C HIS A 32 -16.30 -7.80 29.55
N PRO A 33 -16.98 -7.26 30.58
CA PRO A 33 -16.70 -5.91 31.08
C PRO A 33 -15.28 -5.79 31.64
N GLU A 34 -14.71 -6.94 31.98
CA GLU A 34 -13.34 -7.00 32.51
C GLU A 34 -12.33 -6.23 31.65
N ILE A 35 -12.53 -6.26 30.34
CA ILE A 35 -11.53 -5.75 29.40
C ILE A 35 -11.91 -4.40 28.82
N GLY A 36 -12.86 -3.74 29.46
CA GLY A 36 -13.35 -2.49 28.93
C GLY A 36 -12.26 -1.48 28.61
N ASP A 37 -11.29 -1.33 29.51
CA ASP A 37 -10.27 -0.31 29.30
C ASP A 37 -9.45 -0.64 28.06
N ALA A 38 -9.27 -1.93 27.80
CA ALA A 38 -8.47 -2.38 26.67
C ALA A 38 -9.21 -2.09 25.37
N ILE A 39 -10.52 -2.30 25.40
CA ILE A 39 -11.31 -2.11 24.20
C ILE A 39 -11.41 -0.65 23.85
N ALA A 40 -11.46 0.20 24.88
CA ALA A 40 -11.49 1.65 24.65
C ALA A 40 -10.21 2.11 23.98
N ARG A 41 -9.09 1.56 24.40
CA ARG A 41 -7.82 1.87 23.76
C ARG A 41 -7.84 1.39 22.30
N LEU A 42 -8.36 0.18 22.07
CA LEU A 42 -8.54 -0.34 20.71
C LEU A 42 -9.36 0.60 19.84
N LYS A 43 -10.44 1.14 20.39
CA LYS A 43 -11.27 2.08 19.66
C LYS A 43 -10.45 3.30 19.26
N GLU A 44 -9.68 3.83 20.21
CA GLU A 44 -8.86 4.98 19.94
C GLU A 44 -7.78 4.68 18.92
N VAL A 45 -7.26 3.45 18.93
CA VAL A 45 -6.23 3.04 17.97
C VAL A 45 -6.78 3.00 16.55
N LEU A 46 -7.98 2.47 16.41
CA LEU A 46 -8.67 2.35 15.15
C LEU A 46 -8.98 3.72 14.54
N GLU A 47 -9.44 4.63 15.39
CA GLU A 47 -9.90 5.93 14.94
C GLU A 47 -8.75 6.86 14.64
N TYR A 48 -7.64 6.70 15.33
CA TYR A 48 -6.47 7.49 14.96
C TYR A 48 -5.82 6.98 13.67
N ASN A 49 -5.85 5.67 13.43
CA ASN A 49 -4.92 5.08 12.47
C ASN A 49 -5.55 4.56 11.20
N ALA A 50 -6.84 4.22 11.25
CA ALA A 50 -7.53 3.72 10.08
C ALA A 50 -8.21 4.83 9.27
N ILE A 51 -8.28 6.02 9.86
CA ILE A 51 -8.95 7.15 9.22
C ILE A 51 -7.92 8.21 8.83
N GLY A 52 -8.09 8.82 7.66
CA GLY A 52 -7.23 9.94 7.31
C GLY A 52 -6.35 9.74 6.08
N GLY A 53 -6.48 8.59 5.43
CA GLY A 53 -5.83 8.37 4.15
C GLY A 53 -6.85 8.44 3.03
N LYS A 54 -6.51 7.92 1.86
CA LYS A 54 -7.39 8.06 0.70
C LYS A 54 -8.33 6.86 0.50
N TYR A 55 -8.12 5.80 1.27
CA TYR A 55 -9.04 4.65 1.31
C TYR A 55 -9.14 3.88 0.00
N ASN A 56 -8.21 4.15 -0.90
CA ASN A 56 -8.31 3.59 -2.25
C ASN A 56 -8.20 2.07 -2.32
N ARG A 57 -7.35 1.48 -1.49
CA ARG A 57 -7.22 0.04 -1.51
C ARG A 57 -8.50 -0.65 -1.07
N GLY A 58 -9.03 -0.24 0.07
CA GLY A 58 -10.26 -0.85 0.55
C GLY A 58 -11.41 -0.55 -0.38
N LEU A 59 -11.44 0.67 -0.89
CA LEU A 59 -12.49 1.08 -1.82
C LEU A 59 -12.42 0.21 -3.09
N THR A 60 -11.22 -0.24 -3.44
CA THR A 60 -11.04 -1.05 -4.64
C THR A 60 -11.73 -2.40 -4.49
N VAL A 61 -11.80 -2.88 -3.25
CA VAL A 61 -12.48 -4.15 -3.00
C VAL A 61 -13.95 -3.98 -3.38
N VAL A 62 -14.56 -2.89 -2.93
CA VAL A 62 -15.99 -2.67 -3.15
C VAL A 62 -16.30 -2.43 -4.62
N VAL A 63 -15.54 -1.53 -5.25
CA VAL A 63 -15.72 -1.29 -6.67
C VAL A 63 -15.55 -2.59 -7.43
N ALA A 64 -14.51 -3.35 -7.10
CA ALA A 64 -14.25 -4.59 -7.82
C ALA A 64 -15.40 -5.56 -7.60
N PHE A 65 -15.92 -5.59 -6.38
CA PHE A 65 -16.98 -6.53 -6.05
C PHE A 65 -18.21 -6.32 -6.93
N ARG A 66 -18.63 -5.07 -7.07
CA ARG A 66 -19.79 -4.74 -7.88
C ARG A 66 -19.58 -5.16 -9.33
N GLU A 67 -18.39 -4.91 -9.85
CA GLU A 67 -18.09 -5.23 -11.24
C GLU A 67 -17.93 -6.73 -11.49
N LEU A 68 -17.87 -7.52 -10.42
CA LEU A 68 -17.61 -8.95 -10.56
C LEU A 68 -18.84 -9.82 -10.28
N VAL A 69 -19.74 -9.32 -9.44
CA VAL A 69 -20.86 -10.12 -9.00
C VAL A 69 -22.16 -9.52 -9.56
N GLU A 70 -23.11 -10.39 -9.89
CA GLU A 70 -24.41 -9.96 -10.41
C GLU A 70 -25.12 -9.01 -9.44
N PRO A 71 -25.74 -7.96 -9.98
CA PRO A 71 -26.44 -6.96 -9.16
C PRO A 71 -27.64 -7.54 -8.40
N ARG A 72 -28.23 -8.59 -8.96
CA ARG A 72 -29.32 -9.31 -8.29
C ARG A 72 -28.73 -10.25 -7.25
N LYS A 73 -27.42 -10.39 -7.27
CA LYS A 73 -26.71 -11.14 -6.23
C LYS A 73 -26.26 -10.16 -5.16
N GLN A 74 -26.27 -8.87 -5.51
CA GLN A 74 -25.81 -7.83 -4.60
C GLN A 74 -26.92 -7.38 -3.67
N ASP A 75 -27.27 -8.22 -2.70
CA ASP A 75 -28.23 -7.84 -1.68
C ASP A 75 -27.57 -7.00 -0.60
N ALA A 76 -28.34 -6.62 0.40
CA ALA A 76 -27.84 -5.73 1.45
C ALA A 76 -26.72 -6.40 2.24
N ASP A 77 -26.81 -7.70 2.43
CA ASP A 77 -25.81 -8.44 3.20
C ASP A 77 -24.51 -8.64 2.44
N SER A 78 -24.61 -9.00 1.16
CA SER A 78 -23.42 -9.17 0.32
C SER A 78 -22.59 -7.90 0.33
N LEU A 79 -23.24 -6.78 0.03
CA LEU A 79 -22.57 -5.51 -0.06
C LEU A 79 -21.97 -5.14 1.29
N GLN A 80 -22.63 -5.57 2.36
CA GLN A 80 -22.16 -5.33 3.73
C GLN A 80 -20.81 -5.98 3.93
N ARG A 81 -20.69 -7.23 3.47
CA ARG A 81 -19.42 -7.95 3.58
C ARG A 81 -18.35 -7.34 2.67
N ALA A 82 -18.75 -6.85 1.49
CA ALA A 82 -17.82 -6.15 0.62
C ALA A 82 -17.23 -4.93 1.34
N TRP A 83 -18.09 -4.19 2.03
CA TRP A 83 -17.67 -3.00 2.79
C TRP A 83 -16.71 -3.39 3.89
N THR A 84 -16.92 -4.54 4.49
CA THR A 84 -16.12 -4.96 5.63
C THR A 84 -14.74 -5.46 5.19
N VAL A 85 -14.68 -6.24 4.10
CA VAL A 85 -13.43 -6.75 3.57
C VAL A 85 -12.53 -5.62 3.05
N GLY A 86 -13.13 -4.60 2.44
CA GLY A 86 -12.36 -3.44 2.01
C GLY A 86 -11.76 -2.74 3.21
N TRP A 87 -12.56 -2.57 4.26
CA TRP A 87 -12.03 -2.00 5.48
C TRP A 87 -10.96 -2.91 6.12
N CYS A 88 -11.08 -4.21 5.90
CA CYS A 88 -10.05 -5.13 6.33
C CYS A 88 -8.72 -4.85 5.63
N VAL A 89 -8.78 -4.47 4.36
CA VAL A 89 -7.57 -4.11 3.64
C VAL A 89 -6.97 -2.88 4.30
N GLU A 90 -7.83 -1.91 4.61
CA GLU A 90 -7.37 -0.67 5.23
C GLU A 90 -6.74 -0.94 6.59
N LEU A 91 -7.33 -1.85 7.36
CA LEU A 91 -6.73 -2.20 8.64
C LEU A 91 -5.38 -2.90 8.47
N LEU A 92 -5.25 -3.76 7.47
CA LEU A 92 -3.94 -4.35 7.19
C LEU A 92 -2.94 -3.23 6.91
N GLN A 93 -3.37 -2.22 6.17
CA GLN A 93 -2.47 -1.10 5.90
C GLN A 93 -2.12 -0.27 7.15
N ALA A 94 -3.12 0.00 7.98
CA ALA A 94 -2.92 0.80 9.18
C ALA A 94 -1.92 0.08 10.08
N PHE A 95 -2.03 -1.24 10.15
CA PHE A 95 -1.06 -2.06 10.89
C PHE A 95 0.38 -1.90 10.35
N PHE A 96 0.59 -2.00 9.03
CA PHE A 96 1.93 -1.80 8.44
C PHE A 96 2.47 -0.40 8.74
N LEU A 97 1.61 0.60 8.60
CA LEU A 97 2.07 1.97 8.66
C LEU A 97 2.49 2.36 10.07
N VAL A 98 1.70 1.93 11.05
CA VAL A 98 1.98 2.26 12.45
C VAL A 98 3.33 1.67 12.79
N ALA A 99 3.52 0.41 12.42
CA ALA A 99 4.78 -0.29 12.64
C ALA A 99 5.98 0.29 11.85
N ASP A 100 5.77 0.58 10.57
CA ASP A 100 6.81 1.18 9.72
C ASP A 100 7.27 2.56 10.20
N ASP A 101 6.31 3.33 10.72
CA ASP A 101 6.59 4.66 11.26
C ASP A 101 7.53 4.58 12.46
N ILE A 102 7.33 3.57 13.31
CA ILE A 102 8.20 3.38 14.45
C ILE A 102 9.57 2.93 13.96
N MET A 103 9.58 1.96 13.05
CA MET A 103 10.85 1.42 12.61
C MET A 103 11.77 2.45 11.99
N ASP A 104 11.24 3.39 11.22
CA ASP A 104 12.17 4.35 10.64
C ASP A 104 12.10 5.72 11.30
N SER A 105 11.57 5.75 12.52
CA SER A 105 11.47 6.97 13.34
C SER A 105 10.91 8.13 12.51
N SER A 106 9.75 7.95 11.91
CA SER A 106 9.11 9.06 11.25
C SER A 106 8.45 9.97 12.29
N LEU A 107 8.15 11.21 11.88
CA LEU A 107 7.55 12.20 12.78
C LEU A 107 6.09 12.37 12.44
N THR A 108 5.78 12.33 11.16
CA THR A 108 4.43 12.57 10.73
C THR A 108 3.97 11.56 9.68
N ARG A 109 2.66 11.43 9.58
CA ARG A 109 2.01 10.51 8.67
C ARG A 109 0.70 11.19 8.33
N ARG A 110 0.49 11.46 7.04
CA ARG A 110 -0.74 12.10 6.62
C ARG A 110 -0.76 13.51 7.23
N GLY A 111 0.41 14.16 7.21
CA GLY A 111 0.55 15.48 7.82
C GLY A 111 0.42 15.49 9.35
N GLN A 112 -0.12 14.41 9.89
CA GLN A 112 -0.51 14.32 11.29
C GLN A 112 0.61 13.61 12.09
N ILE A 113 0.60 13.76 13.41
CA ILE A 113 1.60 13.10 14.25
C ILE A 113 1.49 11.57 14.21
N CYS A 114 2.61 10.89 14.00
CA CYS A 114 2.62 9.43 14.02
C CYS A 114 2.11 8.92 15.37
N TRP A 115 1.24 7.92 15.33
CA TRP A 115 0.64 7.37 16.55
C TRP A 115 1.69 7.17 17.64
N TYR A 116 2.81 6.51 17.32
CA TYR A 116 3.77 6.17 18.35
C TYR A 116 4.47 7.41 18.90
N GLN A 117 4.37 8.54 18.20
CA GLN A 117 5.01 9.77 18.64
C GLN A 117 4.15 10.56 19.63
N LYS A 118 2.87 10.23 19.73
CA LYS A 118 2.00 10.89 20.69
C LYS A 118 2.49 10.67 22.11
N PRO A 119 2.38 11.70 22.96
CA PRO A 119 2.67 11.56 24.39
C PRO A 119 1.88 10.42 25.02
N GLY A 120 2.58 9.53 25.71
CA GLY A 120 1.90 8.43 26.36
C GLY A 120 1.69 7.17 25.52
N VAL A 121 2.09 7.21 24.25
CA VAL A 121 2.00 5.98 23.45
C VAL A 121 3.35 5.32 23.29
N GLY A 122 4.23 5.96 22.54
CA GLY A 122 5.58 5.44 22.41
C GLY A 122 5.52 4.02 21.90
N LEU A 123 6.38 3.17 22.43
CA LEU A 123 6.54 1.82 21.91
C LEU A 123 5.36 0.88 22.18
N ASP A 124 4.42 1.31 23.02
CA ASP A 124 3.17 0.59 23.16
C ASP A 124 2.48 0.43 21.80
N ALA A 125 2.81 1.30 20.84
CA ALA A 125 2.21 1.26 19.50
C ALA A 125 2.48 -0.07 18.77
N ILE A 126 3.54 -0.75 19.19
CA ILE A 126 3.81 -2.10 18.71
C ILE A 126 2.67 -3.08 19.03
N ASN A 127 2.16 -3.05 20.25
CA ASN A 127 0.99 -3.86 20.55
C ASN A 127 -0.25 -3.31 19.83
N ASP A 128 -0.39 -1.99 19.79
CA ASP A 128 -1.46 -1.36 19.01
C ASP A 128 -1.47 -1.86 17.55
N ALA A 129 -0.30 -1.85 16.91
CA ALA A 129 -0.17 -2.32 15.53
C ALA A 129 -0.69 -3.75 15.43
N ASN A 130 -0.27 -4.61 16.35
CA ASN A 130 -0.67 -6.02 16.30
C ASN A 130 -2.19 -6.19 16.43
N LEU A 131 -2.81 -5.38 17.28
CA LEU A 131 -4.25 -5.37 17.44
C LEU A 131 -4.96 -5.00 16.14
N LEU A 132 -4.41 -4.04 15.41
CA LEU A 132 -4.97 -3.68 14.12
C LEU A 132 -4.97 -4.88 13.20
N GLU A 133 -3.90 -5.67 13.24
CA GLU A 133 -3.83 -6.86 12.42
C GLU A 133 -4.90 -7.86 12.85
N ALA A 134 -5.02 -8.05 14.16
CA ALA A 134 -5.98 -9.02 14.68
C ALA A 134 -7.42 -8.63 14.33
N CYS A 135 -7.70 -7.35 14.29
CA CYS A 135 -9.04 -6.89 13.99
C CYS A 135 -9.53 -7.38 12.63
N ILE A 136 -8.60 -7.54 11.67
CA ILE A 136 -8.93 -8.09 10.36
C ILE A 136 -9.66 -9.41 10.50
N TYR A 137 -9.11 -10.31 11.31
CA TYR A 137 -9.60 -11.67 11.37
C TYR A 137 -10.84 -11.76 12.25
N ARG A 138 -10.98 -10.83 13.18
CA ARG A 138 -12.23 -10.75 13.94
C ARG A 138 -13.39 -10.37 13.02
N LEU A 139 -13.20 -9.37 12.17
CA LEU A 139 -14.21 -8.96 11.19
C LEU A 139 -14.57 -10.07 10.22
N LEU A 140 -13.56 -10.74 9.67
CA LEU A 140 -13.79 -11.81 8.70
C LEU A 140 -14.62 -12.92 9.32
N LYS A 141 -14.35 -13.23 10.59
CA LYS A 141 -15.12 -14.27 11.28
C LYS A 141 -16.52 -13.75 11.61
N LEU A 142 -16.62 -12.48 12.00
CA LEU A 142 -17.92 -11.90 12.31
C LEU A 142 -18.86 -11.79 11.10
N TYR A 143 -18.30 -11.50 9.92
CA TYR A 143 -19.13 -11.26 8.74
C TYR A 143 -19.07 -12.34 7.68
N CYS A 144 -18.05 -13.19 7.70
CA CYS A 144 -17.84 -14.11 6.58
C CYS A 144 -17.68 -15.55 7.00
N ARG A 145 -17.85 -15.82 8.29
CA ARG A 145 -17.66 -17.16 8.84
C ARG A 145 -18.40 -18.23 8.02
N GLU A 146 -19.60 -17.88 7.57
CA GLU A 146 -20.51 -18.83 6.94
C GLU A 146 -20.31 -18.92 5.44
N GLN A 147 -19.61 -17.95 4.88
CA GLN A 147 -19.37 -17.90 3.44
C GLN A 147 -18.37 -18.95 2.99
N PRO A 148 -18.54 -19.46 1.76
CA PRO A 148 -17.63 -20.49 1.23
C PRO A 148 -16.22 -20.00 0.90
N TYR A 149 -16.05 -18.70 0.77
CA TYR A 149 -14.74 -18.12 0.47
C TYR A 149 -14.01 -17.64 1.72
N TYR A 150 -14.62 -17.90 2.88
CA TYR A 150 -14.09 -17.56 4.19
C TYR A 150 -12.62 -17.90 4.38
N LEU A 151 -12.32 -19.19 4.30
CA LEU A 151 -10.96 -19.68 4.43
C LEU A 151 -10.05 -19.03 3.37
N ASN A 152 -10.54 -18.89 2.15
CA ASN A 152 -9.77 -18.19 1.10
C ASN A 152 -9.29 -16.80 1.51
N LEU A 153 -10.17 -16.01 2.11
CA LEU A 153 -9.83 -14.64 2.52
C LEU A 153 -8.83 -14.60 3.68
N ILE A 154 -9.01 -15.48 4.68
CA ILE A 154 -8.04 -15.60 5.76
C ILE A 154 -6.66 -15.86 5.17
N GLU A 155 -6.57 -16.85 4.29
CA GLU A 155 -5.28 -17.21 3.70
C GLU A 155 -4.71 -16.08 2.87
N LEU A 156 -5.58 -15.39 2.12
CA LEU A 156 -5.15 -14.25 1.30
C LEU A 156 -4.60 -13.13 2.17
N PHE A 157 -5.31 -12.80 3.24
CA PHE A 157 -4.83 -11.78 4.14
C PHE A 157 -3.51 -12.18 4.79
N LEU A 158 -3.42 -13.43 5.26
CA LEU A 158 -2.19 -13.94 5.87
C LEU A 158 -1.02 -13.92 4.86
N GLN A 159 -1.24 -14.42 3.64
CA GLN A 159 -0.16 -14.36 2.65
C GLN A 159 0.26 -12.92 2.33
N SER A 160 -0.71 -12.01 2.26
CA SER A 160 -0.38 -10.61 2.08
C SER A 160 0.43 -10.01 3.25
N SER A 161 0.15 -10.46 4.46
CA SER A 161 0.97 -10.01 5.58
C SER A 161 2.38 -10.50 5.44
N TYR A 162 2.52 -11.80 5.23
CA TYR A 162 3.83 -12.43 5.13
C TYR A 162 4.68 -11.79 4.00
N GLN A 163 4.04 -11.54 2.86
CA GLN A 163 4.78 -11.03 1.69
C GLN A 163 5.23 -9.60 1.92
N THR A 164 4.36 -8.79 2.50
CA THR A 164 4.72 -7.43 2.87
C THR A 164 5.89 -7.43 3.85
N GLU A 165 5.89 -8.39 4.78
CA GLU A 165 6.89 -8.44 5.85
C GLU A 165 8.25 -8.86 5.30
N ILE A 166 8.24 -9.81 4.38
CA ILE A 166 9.43 -10.19 3.64
C ILE A 166 9.94 -8.99 2.91
N GLY A 167 9.05 -8.26 2.26
CA GLY A 167 9.45 -7.05 1.57
C GLY A 167 10.07 -6.01 2.49
N GLN A 168 9.53 -5.87 3.70
CA GLN A 168 10.02 -4.86 4.62
C GLN A 168 11.41 -5.27 5.08
N THR A 169 11.61 -6.56 5.26
CA THR A 169 12.91 -7.12 5.59
C THR A 169 13.92 -6.77 4.49
N LEU A 170 13.57 -7.15 3.26
CA LEU A 170 14.42 -6.90 2.11
C LEU A 170 14.81 -5.43 2.12
N ASP A 171 13.81 -4.57 2.29
CA ASP A 171 14.05 -3.13 2.27
C ASP A 171 15.01 -2.72 3.40
N LEU A 172 14.81 -3.28 4.59
CA LEU A 172 15.62 -2.90 5.76
C LEU A 172 17.05 -3.39 5.65
N LEU A 173 17.23 -4.58 5.09
CA LEU A 173 18.57 -5.05 4.79
C LEU A 173 19.22 -4.12 3.76
N THR A 174 18.40 -3.55 2.87
CA THR A 174 18.90 -2.89 1.67
C THR A 174 19.33 -1.46 1.93
N ALA A 175 18.62 -0.78 2.81
CA ALA A 175 18.94 0.59 3.14
C ALA A 175 19.17 0.77 4.63
N PRO A 176 20.19 0.09 5.18
CA PRO A 176 20.41 0.12 6.63
C PRO A 176 20.59 1.56 7.10
N GLN A 177 19.56 2.13 7.72
CA GLN A 177 19.62 3.52 8.17
C GLN A 177 20.82 3.74 9.08
N GLY A 178 21.85 4.38 8.53
CA GLY A 178 23.15 4.45 9.17
C GLY A 178 24.22 3.82 8.29
N ASN A 179 23.87 3.58 7.04
CA ASN A 179 24.76 2.91 6.09
C ASN A 179 24.44 3.30 4.65
N VAL A 180 25.29 4.14 4.07
CA VAL A 180 25.10 4.58 2.70
C VAL A 180 26.00 3.77 1.75
N ASP A 181 25.57 2.55 1.45
CA ASP A 181 26.28 1.72 0.49
C ASP A 181 25.48 1.63 -0.81
N LEU A 182 25.80 2.51 -1.75
CA LEU A 182 25.01 2.63 -2.98
C LEU A 182 25.12 1.39 -3.84
N VAL A 183 25.96 0.46 -3.42
CA VAL A 183 26.26 -0.70 -4.25
C VAL A 183 25.16 -1.76 -4.24
N ARG A 184 24.33 -1.75 -3.21
CA ARG A 184 23.24 -2.71 -3.14
C ARG A 184 21.91 -2.18 -3.69
N PHE A 185 21.97 -1.02 -4.33
CA PHE A 185 20.78 -0.44 -4.96
C PHE A 185 20.67 -0.84 -6.44
N THR A 186 20.59 -2.14 -6.72
CA THR A 186 20.40 -2.59 -8.10
C THR A 186 18.93 -2.48 -8.48
N GLU A 187 18.66 -2.51 -9.78
CA GLU A 187 17.28 -2.47 -10.27
C GLU A 187 16.55 -3.74 -9.84
N LYS A 188 17.26 -4.85 -9.82
CA LYS A 188 16.67 -6.14 -9.50
C LYS A 188 16.23 -6.21 -8.03
N ARG A 189 17.02 -5.61 -7.14
CA ARG A 189 16.67 -5.53 -5.72
C ARG A 189 15.53 -4.54 -5.51
N TYR A 190 15.53 -3.47 -6.30
CA TYR A 190 14.44 -2.51 -6.30
C TYR A 190 13.11 -3.16 -6.63
N LYS A 191 13.07 -3.92 -7.72
CA LYS A 191 11.83 -4.47 -8.21
C LYS A 191 11.37 -5.57 -7.26
N SER A 192 12.32 -6.20 -6.60
CA SER A 192 12.01 -7.22 -5.64
C SER A 192 11.37 -6.60 -4.37
N ILE A 193 11.86 -5.44 -3.96
CA ILE A 193 11.31 -4.74 -2.80
C ILE A 193 9.91 -4.18 -3.07
N VAL A 194 9.71 -3.62 -4.27
CA VAL A 194 8.40 -3.08 -4.66
C VAL A 194 7.34 -4.18 -4.76
N LYS A 195 7.74 -5.34 -5.23
CA LYS A 195 6.80 -6.42 -5.39
C LYS A 195 6.29 -6.97 -4.05
N TYR A 196 7.21 -7.27 -3.13
CA TYR A 196 6.82 -7.87 -1.88
C TYR A 196 6.21 -6.83 -0.94
N LYS A 197 6.90 -5.70 -0.78
CA LYS A 197 6.52 -4.75 0.27
C LYS A 197 5.31 -3.90 -0.11
N THR A 198 5.12 -3.70 -1.41
CA THR A 198 4.08 -2.79 -1.85
C THR A 198 2.99 -3.35 -2.76
N ALA A 199 3.40 -4.01 -3.85
CA ALA A 199 2.49 -4.35 -4.94
C ALA A 199 1.51 -5.47 -4.61
N PHE A 200 1.96 -6.48 -3.87
CA PHE A 200 1.06 -7.59 -3.53
C PHE A 200 -0.17 -7.10 -2.72
N TYR A 201 0.06 -6.37 -1.63
CA TYR A 201 -1.06 -6.01 -0.74
C TYR A 201 -1.82 -4.80 -1.30
N SER A 202 -1.14 -3.99 -2.12
CA SER A 202 -1.76 -2.75 -2.58
C SER A 202 -2.65 -2.96 -3.81
N PHE A 203 -2.28 -3.91 -4.67
CA PHE A 203 -3.00 -4.15 -5.92
C PHE A 203 -3.58 -5.55 -6.08
N TYR A 204 -2.78 -6.57 -5.84
CA TYR A 204 -3.34 -7.91 -5.91
C TYR A 204 -4.43 -8.14 -4.81
N LEU A 205 -4.11 -7.87 -3.55
CA LEU A 205 -5.01 -8.23 -2.43
C LEU A 205 -6.44 -7.73 -2.61
N PRO A 206 -6.62 -6.43 -2.93
CA PRO A 206 -7.97 -5.88 -3.05
C PRO A 206 -8.82 -6.59 -4.08
N ILE A 207 -8.24 -6.81 -5.27
CA ILE A 207 -8.95 -7.44 -6.38
C ILE A 207 -9.15 -8.92 -6.13
N ALA A 208 -8.11 -9.59 -5.63
CA ALA A 208 -8.21 -11.00 -5.22
C ALA A 208 -9.35 -11.23 -4.22
N ALA A 209 -9.50 -10.29 -3.29
CA ALA A 209 -10.51 -10.44 -2.24
C ALA A 209 -11.89 -10.41 -2.87
N ALA A 210 -12.13 -9.40 -3.70
CA ALA A 210 -13.39 -9.28 -4.43
C ALA A 210 -13.64 -10.50 -5.32
N MET A 211 -12.60 -10.94 -6.03
CA MET A 211 -12.69 -12.18 -6.79
C MET A 211 -13.23 -13.36 -5.98
N TYR A 212 -12.61 -13.65 -4.83
CA TYR A 212 -13.05 -14.75 -3.99
C TYR A 212 -14.48 -14.54 -3.52
N MET A 213 -14.80 -13.30 -3.19
CA MET A 213 -16.14 -12.99 -2.73
C MET A 213 -17.14 -13.23 -3.85
N ALA A 214 -16.73 -12.97 -5.08
CA ALA A 214 -17.59 -13.21 -6.23
C ALA A 214 -17.46 -14.65 -6.73
N GLY A 215 -16.82 -15.49 -5.94
CA GLY A 215 -16.82 -16.91 -6.23
C GLY A 215 -15.75 -17.34 -7.22
N ILE A 216 -14.89 -16.41 -7.60
CA ILE A 216 -13.82 -16.72 -8.55
C ILE A 216 -12.57 -17.09 -7.73
N ASP A 217 -12.39 -18.38 -7.51
CA ASP A 217 -11.31 -18.86 -6.66
C ASP A 217 -10.28 -19.61 -7.48
N GLY A 218 -10.47 -19.63 -8.80
CA GLY A 218 -9.60 -20.39 -9.67
C GLY A 218 -8.15 -19.93 -9.66
N GLU A 219 -7.24 -20.87 -9.50
CA GLU A 219 -5.82 -20.58 -9.35
C GLU A 219 -5.25 -19.86 -10.56
N LYS A 220 -5.75 -20.19 -11.74
CA LYS A 220 -5.24 -19.61 -12.99
C LYS A 220 -5.74 -18.19 -13.15
N GLU A 221 -7.01 -18.00 -12.83
CA GLU A 221 -7.60 -16.66 -12.87
C GLU A 221 -6.89 -15.72 -11.91
N HIS A 222 -6.54 -16.21 -10.72
CA HIS A 222 -5.82 -15.39 -9.77
C HIS A 222 -4.37 -15.18 -10.22
N ALA A 223 -3.79 -16.20 -10.83
CA ALA A 223 -2.43 -16.06 -11.31
C ALA A 223 -2.42 -15.02 -12.43
N ASN A 224 -3.46 -15.02 -13.24
CA ASN A 224 -3.61 -14.05 -14.33
C ASN A 224 -3.91 -12.65 -13.79
N ALA A 225 -4.80 -12.54 -12.81
CA ALA A 225 -5.07 -11.24 -12.20
C ALA A 225 -3.82 -10.71 -11.50
N LYS A 226 -3.06 -11.61 -10.88
CA LYS A 226 -1.81 -11.24 -10.23
C LYS A 226 -0.77 -10.71 -11.21
N LYS A 227 -0.72 -11.27 -12.41
CA LYS A 227 0.31 -10.83 -13.36
C LYS A 227 0.07 -9.38 -13.72
N ILE A 228 -1.18 -9.03 -13.96
CA ILE A 228 -1.53 -7.66 -14.23
C ILE A 228 -1.28 -6.75 -13.03
N LEU A 229 -1.78 -7.14 -11.86
CA LEU A 229 -1.77 -6.24 -10.71
C LEU A 229 -0.35 -5.97 -10.19
N LEU A 230 0.49 -7.01 -10.12
CA LEU A 230 1.86 -6.80 -9.68
C LEU A 230 2.58 -5.79 -10.55
N GLU A 231 2.34 -5.85 -11.86
CA GLU A 231 2.93 -4.91 -12.81
C GLU A 231 2.41 -3.49 -12.61
N MET A 232 1.11 -3.36 -12.37
CA MET A 232 0.55 -2.06 -12.05
C MET A 232 1.17 -1.55 -10.76
N GLY A 233 1.36 -2.43 -9.79
CA GLY A 233 2.00 -2.05 -8.55
C GLY A 233 3.42 -1.52 -8.75
N GLU A 234 4.16 -2.16 -9.64
CA GLU A 234 5.53 -1.76 -9.90
C GLU A 234 5.55 -0.35 -10.47
N PHE A 235 4.69 -0.07 -11.44
CA PHE A 235 4.58 1.31 -11.96
C PHE A 235 4.19 2.29 -10.87
N PHE A 236 3.25 1.90 -10.03
CA PHE A 236 2.74 2.79 -8.99
C PHE A 236 3.88 3.29 -8.10
N GLN A 237 4.68 2.37 -7.58
CA GLN A 237 5.79 2.75 -6.72
C GLN A 237 6.87 3.55 -7.47
N ILE A 238 7.18 3.13 -8.69
CA ILE A 238 8.15 3.84 -9.52
C ILE A 238 7.70 5.25 -9.74
N GLN A 239 6.42 5.44 -10.06
CA GLN A 239 5.91 6.79 -10.25
C GLN A 239 5.94 7.57 -8.95
N ASP A 240 5.61 6.90 -7.84
CA ASP A 240 5.67 7.54 -6.53
C ASP A 240 7.09 7.98 -6.17
N ASP A 241 8.08 7.18 -6.55
CA ASP A 241 9.47 7.57 -6.30
C ASP A 241 9.87 8.77 -7.14
N TYR A 242 9.27 8.88 -8.32
CA TYR A 242 9.54 10.00 -9.20
C TYR A 242 8.86 11.27 -8.68
N LEU A 243 7.60 11.15 -8.29
CA LEU A 243 6.86 12.30 -7.80
C LEU A 243 7.39 12.80 -6.46
N ASP A 244 8.03 11.90 -5.71
CA ASP A 244 8.57 12.25 -4.41
C ASP A 244 9.46 13.47 -4.56
N LEU A 245 10.27 13.46 -5.62
CA LEU A 245 11.23 14.52 -5.88
C LEU A 245 10.66 15.54 -6.87
N PHE A 246 10.53 15.14 -8.13
CA PHE A 246 10.15 16.05 -9.19
C PHE A 246 8.66 16.35 -9.15
N GLY A 247 7.98 15.78 -8.16
CA GLY A 247 6.55 16.02 -8.04
C GLY A 247 6.24 17.48 -7.79
N ASP A 248 5.02 17.88 -8.12
CA ASP A 248 4.54 19.23 -7.86
C ASP A 248 3.89 19.21 -6.47
N PRO A 249 4.58 19.79 -5.48
CA PRO A 249 4.20 19.63 -4.07
C PRO A 249 2.79 20.12 -3.76
N SER A 250 2.21 20.87 -4.69
CA SER A 250 0.88 21.46 -4.48
C SER A 250 -0.24 20.47 -4.80
N VAL A 251 -0.04 19.68 -5.85
CA VAL A 251 -1.06 18.75 -6.31
C VAL A 251 -0.83 17.35 -5.72
N THR A 252 0.40 17.10 -5.26
CA THR A 252 0.73 15.85 -4.60
C THR A 252 0.05 15.74 -3.24
N GLY A 253 0.55 16.49 -2.26
CA GLY A 253 0.00 16.45 -0.93
C GLY A 253 1.04 16.69 0.14
N LYS A 254 2.31 16.50 -0.21
CA LYS A 254 3.41 16.85 0.69
C LYS A 254 4.74 16.88 -0.08
N ILE A 255 5.81 17.23 0.63
CA ILE A 255 7.13 17.33 0.02
C ILE A 255 7.93 16.07 0.31
N GLY A 256 8.82 15.70 -0.61
CA GLY A 256 9.48 14.40 -0.56
C GLY A 256 10.83 14.40 0.13
N THR A 257 11.25 13.22 0.58
CA THR A 257 12.45 13.10 1.39
C THR A 257 13.28 11.86 1.07
N ASP A 258 12.97 11.21 -0.04
CA ASP A 258 13.64 9.95 -0.40
C ASP A 258 15.16 10.09 -0.46
N ILE A 259 15.65 11.24 -0.92
CA ILE A 259 17.08 11.49 -0.96
C ILE A 259 17.60 11.63 0.48
N GLN A 260 16.89 12.42 1.28
CA GLN A 260 17.24 12.67 2.68
C GLN A 260 17.09 11.46 3.60
N ASP A 261 16.77 10.30 3.02
CA ASP A 261 16.55 9.10 3.83
C ASP A 261 17.33 7.90 3.32
N ASN A 262 18.10 8.09 2.26
CA ASN A 262 18.91 7.01 1.71
C ASN A 262 18.00 5.88 1.20
N LYS A 263 16.83 6.25 0.70
CA LYS A 263 15.88 5.27 0.16
C LYS A 263 16.43 4.62 -1.09
N CYS A 264 16.14 3.34 -1.28
CA CYS A 264 16.41 2.69 -2.54
C CYS A 264 15.31 3.13 -3.51
N SER A 265 15.38 4.39 -3.93
CA SER A 265 14.36 4.95 -4.82
C SER A 265 14.63 4.51 -6.25
N TRP A 266 13.60 4.51 -7.07
CA TRP A 266 13.78 4.25 -8.49
C TRP A 266 14.75 5.28 -9.06
N LEU A 267 14.56 6.54 -8.67
CA LEU A 267 15.40 7.61 -9.17
C LEU A 267 16.88 7.28 -9.00
N VAL A 268 17.27 6.80 -7.81
CA VAL A 268 18.68 6.59 -7.52
C VAL A 268 19.22 5.33 -8.16
N VAL A 269 18.36 4.35 -8.39
CA VAL A 269 18.77 3.16 -9.11
C VAL A 269 19.11 3.56 -10.54
N GLN A 270 18.28 4.42 -11.12
CA GLN A 270 18.50 4.93 -12.47
C GLN A 270 19.80 5.73 -12.56
N CYS A 271 19.93 6.71 -11.69
CA CYS A 271 21.13 7.54 -11.60
C CYS A 271 22.40 6.69 -11.57
N LEU A 272 22.42 5.68 -10.72
CA LEU A 272 23.61 4.82 -10.60
C LEU A 272 23.78 3.96 -11.84
N GLN A 273 22.67 3.57 -12.46
CA GLN A 273 22.74 2.73 -13.65
C GLN A 273 23.43 3.51 -14.77
N ARG A 274 23.40 4.83 -14.66
CA ARG A 274 24.15 5.70 -15.54
C ARG A 274 25.34 6.24 -14.77
N ALA A 275 25.60 7.54 -14.90
CA ALA A 275 26.55 8.22 -14.03
C ALA A 275 28.01 7.77 -14.20
N THR A 276 28.83 8.68 -14.71
CA THR A 276 30.28 8.48 -14.74
C THR A 276 30.80 8.41 -13.31
N PRO A 277 31.97 7.79 -13.11
CA PRO A 277 32.53 7.56 -11.76
C PRO A 277 32.87 8.81 -10.95
N GLU A 278 32.70 9.98 -11.56
CA GLU A 278 32.71 11.23 -10.79
C GLU A 278 31.30 11.54 -10.31
N GLN A 279 30.33 11.28 -11.16
CA GLN A 279 28.92 11.41 -10.80
C GLN A 279 28.56 10.33 -9.80
N TYR A 280 29.27 9.21 -9.85
CA TYR A 280 29.13 8.11 -8.90
C TYR A 280 29.45 8.60 -7.50
N GLN A 281 30.60 9.28 -7.37
CA GLN A 281 31.13 9.62 -6.05
C GLN A 281 30.68 10.98 -5.54
N ILE A 282 29.84 11.68 -6.31
CA ILE A 282 29.22 12.90 -5.80
C ILE A 282 27.80 12.64 -5.34
N LEU A 283 27.17 11.62 -5.93
CA LEU A 283 25.94 11.07 -5.36
C LEU A 283 26.31 10.31 -4.11
N LYS A 284 27.44 9.62 -4.16
CA LYS A 284 27.95 8.88 -3.03
C LYS A 284 28.43 9.86 -1.96
N GLU A 285 28.14 11.14 -2.18
CA GLU A 285 28.62 12.20 -1.29
C GLU A 285 27.48 12.97 -0.63
N ASN A 286 26.35 13.06 -1.34
CA ASN A 286 25.24 13.89 -0.86
C ASN A 286 23.98 13.10 -0.58
N TYR A 287 24.00 11.80 -0.86
CA TYR A 287 22.81 10.97 -0.71
C TYR A 287 22.56 10.61 0.75
N GLY A 288 21.91 11.50 1.48
CA GLY A 288 21.55 11.18 2.85
C GLY A 288 21.34 12.37 3.77
N GLN A 289 22.14 13.42 3.58
CA GLN A 289 22.16 14.53 4.54
C GLN A 289 20.89 15.37 4.48
N LYS A 290 20.63 16.12 5.54
CA LYS A 290 19.41 16.91 5.66
C LYS A 290 19.55 18.29 5.04
N GLU A 291 20.78 18.72 4.79
CA GLU A 291 21.03 20.06 4.28
C GLU A 291 20.51 20.22 2.86
N ALA A 292 19.63 21.20 2.66
CA ALA A 292 18.96 21.40 1.38
C ALA A 292 19.92 21.67 0.23
N GLU A 293 21.14 22.07 0.56
CA GLU A 293 22.18 22.31 -0.44
C GLU A 293 22.73 20.99 -0.98
N LYS A 294 22.82 19.99 -0.12
CA LYS A 294 23.39 18.71 -0.51
C LYS A 294 22.39 17.82 -1.25
N VAL A 295 21.12 17.94 -0.90
CA VAL A 295 20.07 17.15 -1.55
C VAL A 295 19.72 17.72 -2.91
N ALA A 296 19.63 19.05 -2.99
CA ALA A 296 19.36 19.73 -4.25
C ALA A 296 20.52 19.51 -5.23
N ARG A 297 21.66 19.09 -4.69
CA ARG A 297 22.80 18.75 -5.51
C ARG A 297 22.50 17.47 -6.30
N VAL A 298 21.99 16.46 -5.61
CA VAL A 298 21.67 15.19 -6.25
C VAL A 298 20.50 15.39 -7.20
N LYS A 299 19.48 16.09 -6.74
CA LYS A 299 18.34 16.43 -7.58
C LYS A 299 18.83 16.96 -8.92
N ALA A 300 19.84 17.82 -8.85
CA ALA A 300 20.43 18.37 -10.06
C ALA A 300 21.04 17.25 -10.89
N LEU A 301 21.88 16.43 -10.26
CA LEU A 301 22.55 15.35 -10.95
C LEU A 301 21.54 14.45 -11.66
N TYR A 302 20.34 14.36 -11.11
CA TYR A 302 19.29 13.56 -11.72
C TYR A 302 18.87 14.18 -13.06
N GLU A 303 18.56 15.47 -13.03
CA GLU A 303 18.11 16.17 -14.22
C GLU A 303 19.22 16.14 -15.27
N GLU A 304 20.46 16.18 -14.79
CA GLU A 304 21.61 16.19 -15.67
C GLU A 304 21.71 14.86 -16.40
N LEU A 305 21.22 13.79 -15.75
CA LEU A 305 21.17 12.49 -16.40
C LEU A 305 19.83 12.25 -17.09
N ASP A 306 19.02 13.30 -17.17
CA ASP A 306 17.77 13.27 -17.94
C ASP A 306 16.74 12.28 -17.37
N LEU A 307 16.96 11.86 -16.13
CA LEU A 307 16.10 10.85 -15.53
C LEU A 307 14.61 11.17 -15.70
N PRO A 308 14.21 12.43 -15.45
CA PRO A 308 12.80 12.77 -15.64
C PRO A 308 12.30 12.46 -17.04
N ALA A 309 13.21 12.47 -18.01
CA ALA A 309 12.86 12.12 -19.37
C ALA A 309 12.69 10.61 -19.47
N VAL A 310 13.65 9.87 -18.92
CA VAL A 310 13.61 8.42 -19.01
C VAL A 310 12.44 7.88 -18.19
N PHE A 311 11.93 8.70 -17.28
CA PHE A 311 10.71 8.34 -16.57
C PHE A 311 9.52 8.51 -17.50
N LEU A 312 9.47 9.65 -18.18
CA LEU A 312 8.32 9.94 -19.03
C LEU A 312 8.23 8.92 -20.17
N GLN A 313 9.39 8.44 -20.61
CA GLN A 313 9.43 7.35 -21.57
C GLN A 313 8.94 6.07 -20.89
N TYR A 314 9.44 5.84 -19.67
CA TYR A 314 9.12 4.62 -18.95
C TYR A 314 7.60 4.52 -18.74
N GLU A 315 6.98 5.66 -18.45
CA GLU A 315 5.56 5.69 -18.11
C GLU A 315 4.68 5.33 -19.31
N GLU A 316 5.04 5.85 -20.47
CA GLU A 316 4.31 5.53 -21.69
C GLU A 316 4.52 4.07 -22.05
N ASP A 317 5.75 3.62 -21.98
CA ASP A 317 6.02 2.22 -22.26
C ASP A 317 5.25 1.36 -21.25
N SER A 318 5.26 1.77 -19.99
CA SER A 318 4.60 1.00 -18.94
C SER A 318 3.11 0.96 -19.22
N TYR A 319 2.57 2.08 -19.66
CA TYR A 319 1.15 2.15 -19.94
C TYR A 319 0.72 1.24 -21.09
N SER A 320 1.54 1.10 -22.12
CA SER A 320 1.12 0.24 -23.22
C SER A 320 1.31 -1.21 -22.81
N HIS A 321 2.37 -1.50 -22.08
CA HIS A 321 2.56 -2.84 -21.53
C HIS A 321 1.35 -3.30 -20.69
N ILE A 322 0.84 -2.44 -19.83
CA ILE A 322 -0.26 -2.86 -18.97
C ILE A 322 -1.53 -3.10 -19.79
N MET A 323 -1.69 -2.36 -20.88
CA MET A 323 -2.85 -2.57 -21.73
C MET A 323 -2.71 -3.91 -22.43
N ALA A 324 -1.53 -4.19 -22.96
CA ALA A 324 -1.24 -5.50 -23.53
C ALA A 324 -1.51 -6.59 -22.49
N LEU A 325 -1.23 -6.30 -21.23
CA LEU A 325 -1.43 -7.31 -20.19
C LEU A 325 -2.92 -7.52 -19.92
N ILE A 326 -3.68 -6.44 -19.98
CA ILE A 326 -5.11 -6.54 -19.75
C ILE A 326 -5.78 -7.31 -20.87
N GLU A 327 -5.42 -6.99 -22.10
CA GLU A 327 -5.93 -7.72 -23.27
C GLU A 327 -5.74 -9.21 -23.09
N GLN A 328 -4.50 -9.58 -22.77
CA GLN A 328 -4.10 -10.97 -22.68
C GLN A 328 -4.67 -11.71 -21.47
N TYR A 329 -4.54 -11.13 -20.28
CA TYR A 329 -4.75 -11.89 -19.06
C TYR A 329 -5.99 -11.54 -18.23
N ALA A 330 -6.82 -10.63 -18.73
CA ALA A 330 -8.00 -10.19 -17.99
C ALA A 330 -9.13 -11.21 -18.07
N ALA A 331 -9.35 -11.75 -19.26
CA ALA A 331 -10.49 -12.64 -19.48
C ALA A 331 -10.33 -13.83 -18.54
N PRO A 332 -11.45 -14.38 -18.06
CA PRO A 332 -12.82 -13.96 -18.33
C PRO A 332 -13.35 -12.89 -17.38
N LEU A 333 -12.45 -12.19 -16.70
CA LEU A 333 -12.89 -11.06 -15.88
C LEU A 333 -13.15 -9.85 -16.77
N PRO A 334 -14.14 -9.03 -16.40
CA PRO A 334 -14.41 -7.82 -17.15
C PRO A 334 -13.22 -6.86 -17.09
N PRO A 335 -12.71 -6.46 -18.27
CA PRO A 335 -11.50 -5.64 -18.32
C PRO A 335 -11.65 -4.35 -17.53
N ALA A 336 -12.88 -3.85 -17.42
CA ALA A 336 -13.14 -2.67 -16.61
C ALA A 336 -12.49 -2.74 -15.22
N VAL A 337 -12.47 -3.93 -14.61
CA VAL A 337 -11.93 -4.07 -13.26
C VAL A 337 -10.46 -3.65 -13.21
N PHE A 338 -9.69 -4.01 -14.23
CA PHE A 338 -8.29 -3.59 -14.34
C PHE A 338 -8.13 -2.19 -14.91
N LEU A 339 -9.01 -1.80 -15.84
CA LEU A 339 -8.84 -0.52 -16.53
C LEU A 339 -9.23 0.65 -15.64
N GLY A 340 -10.25 0.45 -14.80
CA GLY A 340 -10.60 1.44 -13.81
C GLY A 340 -9.40 1.76 -12.93
N LEU A 341 -8.65 0.72 -12.54
CA LEU A 341 -7.43 0.90 -11.75
C LEU A 341 -6.36 1.66 -12.51
N ALA A 342 -6.05 1.15 -13.71
CA ALA A 342 -4.99 1.72 -14.55
C ALA A 342 -5.21 3.23 -14.74
N ARG A 343 -6.48 3.61 -14.87
CA ARG A 343 -6.84 4.96 -15.20
C ARG A 343 -6.52 5.89 -14.04
N LYS A 344 -6.70 5.37 -12.84
CA LYS A 344 -6.53 6.18 -11.65
C LYS A 344 -5.08 6.26 -11.23
N ILE A 345 -4.30 5.23 -11.54
CA ILE A 345 -2.90 5.22 -11.19
C ILE A 345 -2.08 6.04 -12.18
N TYR A 346 -2.35 5.86 -13.47
CA TYR A 346 -1.51 6.44 -14.50
C TYR A 346 -1.77 7.92 -14.74
N LYS A 347 -2.90 8.42 -14.25
CA LYS A 347 -3.25 9.83 -14.46
C LYS A 347 -2.17 10.73 -13.89
#